data_2GCO
#
_entry.id   2GCO
#
_cell.length_a   64.092
_cell.length_b   75.645
_cell.length_c   82.903
_cell.angle_alpha   90.00
_cell.angle_beta   90.00
_cell.angle_gamma   90.00
#
_symmetry.space_group_name_H-M   'P 21 21 2'
#
loop_
_entity.id
_entity.type
_entity.pdbx_description
1 polymer 'Rho-related GTP-binding protein RhoC'
2 polymer 'Rho-related GTP-binding protein RhoC'
3 non-polymer 'MAGNESIUM ION'
4 non-polymer 'PHOSPHOAMINOPHOSPHONIC ACID-GUANYLATE ESTER'
5 water water
#
loop_
_entity_poly.entity_id
_entity_poly.type
_entity_poly.pdbx_seq_one_letter_code
_entity_poly.pdbx_strand_id
1 'polypeptide(L)'
;MGSSHHHHHHSSGLVPRGSHMAAIRKKLVIVGDGACGKTCLLIVFSKDQFPEVYVPTVFENYIADIEVDGKQVELALWDT
AGQEDYDRLRPLSYPDTDVILMCFSIDSPDSLENIPEKWTPEVKHF(CSX)PNVPIILVGNKKDLRQDEHTRRELAKMKQ
EPVRSEEGRDMANRISAFGYLECSAKTKEGVREVFEMATRAGLQV
;
A
2 'polypeptide(L)'
;MGSSHHHHHHSSGLVPRGSHMAAIRKKLVIVGDGACGKTCLLIVFSKDQFPEVYVPTVFENYIADIEVDGKQVELALWDT
AGQEDYDRLRPLSYPDTDVILMCFSIDSPDSLENIPEKWTPEVKHFCPNVPIILVGNKKDLRQDEHTRRELAKMKQEPVR
SEEGRDMANRISAFGYLECSAKTKEGVREVFEMATRAGLQV
;
B
#
# COMPACT_ATOMS: atom_id res chain seq x y z
N HIS A 8 -4.63 21.35 26.74
CA HIS A 8 -3.34 21.45 25.99
C HIS A 8 -3.58 21.91 24.55
N HIS A 9 -3.28 23.17 24.29
CA HIS A 9 -3.45 23.69 22.93
C HIS A 9 -2.17 23.58 22.13
N HIS A 10 -2.34 23.38 20.83
CA HIS A 10 -1.22 23.24 19.92
C HIS A 10 -0.39 24.52 19.85
N SER A 11 0.92 24.36 19.91
CA SER A 11 1.86 25.48 19.71
C SER A 11 2.52 25.38 18.33
N SER A 12 2.53 26.49 17.60
CA SER A 12 3.08 26.51 16.26
C SER A 12 4.61 26.38 16.26
N GLY A 13 5.15 25.81 15.19
CA GLY A 13 6.59 25.85 14.92
C GLY A 13 7.52 25.02 15.78
N LEU A 14 6.98 24.06 16.53
CA LEU A 14 7.79 23.16 17.35
C LEU A 14 8.38 22.00 16.54
N VAL A 15 7.77 21.72 15.40
CA VAL A 15 8.26 20.70 14.48
C VAL A 15 9.05 21.35 13.35
N PRO A 16 10.37 21.08 13.27
CA PRO A 16 11.25 21.71 12.27
C PRO A 16 11.00 21.26 10.81
N ALA A 22 -11.80 -14.55 -3.79
CA ALA A 22 -12.60 -14.61 -2.56
C ALA A 22 -12.46 -13.30 -1.78
N ALA A 23 -13.59 -12.69 -1.43
CA ALA A 23 -13.57 -11.42 -0.68
C ALA A 23 -13.14 -11.60 0.78
N ILE A 24 -12.22 -10.74 1.20
CA ILE A 24 -11.72 -10.70 2.56
C ILE A 24 -12.53 -9.62 3.28
N ARG A 25 -13.03 -9.92 4.47
CA ARG A 25 -13.88 -9.00 5.24
C ARG A 25 -13.12 -8.34 6.36
N LYS A 26 -13.14 -7.00 6.38
CA LYS A 26 -12.42 -6.24 7.40
C LYS A 26 -13.30 -5.16 7.98
N LYS A 27 -13.14 -4.94 9.27
CA LYS A 27 -13.87 -3.92 10.01
C LYS A 27 -12.95 -2.72 10.21
N LEU A 28 -13.44 -1.56 9.76
CA LEU A 28 -12.73 -0.30 9.94
C LEU A 28 -13.55 0.59 10.89
N VAL A 29 -12.87 1.20 11.86
CA VAL A 29 -13.51 2.14 12.77
C VAL A 29 -12.82 3.49 12.60
N ILE A 30 -13.62 4.54 12.43
CA ILE A 30 -13.08 5.89 12.28
C ILE A 30 -13.38 6.70 13.55
N VAL A 31 -12.35 7.35 14.09
CA VAL A 31 -12.45 8.15 15.29
C VAL A 31 -11.71 9.46 15.13
N GLY A 32 -12.02 10.41 16.01
CA GLY A 32 -11.35 11.71 15.96
C GLY A 32 -12.29 12.77 16.48
N ASP A 33 -11.76 13.96 16.73
CA ASP A 33 -12.55 15.02 17.36
C ASP A 33 -13.84 15.32 16.61
N GLY A 34 -14.83 15.78 17.35
CA GLY A 34 -16.07 16.24 16.75
C GLY A 34 -15.78 17.25 15.67
N ALA A 35 -16.51 17.12 14.57
CA ALA A 35 -16.48 18.00 13.41
C ALA A 35 -15.19 17.94 12.60
N CYS A 36 -14.33 16.95 12.83
CA CYS A 36 -13.10 16.91 12.07
C CYS A 36 -13.25 16.29 10.70
N GLY A 37 -14.46 15.82 10.38
CA GLY A 37 -14.79 15.41 9.02
C GLY A 37 -14.92 13.91 8.78
N LYS A 38 -15.12 13.16 9.85
CA LYS A 38 -15.21 11.71 9.73
C LYS A 38 -16.34 11.22 8.84
N THR A 39 -17.54 11.70 9.09
CA THR A 39 -18.69 11.21 8.36
C THR A 39 -18.61 11.61 6.88
N CYS A 40 -18.21 12.85 6.61
CA CYS A 40 -18.04 13.29 5.24
C CYS A 40 -16.99 12.47 4.50
N LEU A 41 -15.92 12.09 5.20
CA LEU A 41 -14.92 11.22 4.62
C LEU A 41 -15.52 9.86 4.22
N LEU A 42 -16.27 9.25 5.12
CA LEU A 42 -16.90 7.97 4.81
C LEU A 42 -17.86 8.10 3.64
N ILE A 43 -18.64 9.18 3.63
CA ILE A 43 -19.64 9.40 2.58
C ILE A 43 -19.00 9.60 1.23
N VAL A 44 -17.95 10.42 1.17
CA VAL A 44 -17.27 10.66 -0.10
C VAL A 44 -16.61 9.37 -0.60
N PHE A 45 -15.99 8.63 0.31
CA PHE A 45 -15.42 7.35 -0.10
C PHE A 45 -16.50 6.39 -0.66
N SER A 46 -17.62 6.29 0.05
CA SER A 46 -18.65 5.30 -0.25
CA SER A 46 -18.61 5.27 -0.28
C SER A 46 -19.53 5.68 -1.42
N LYS A 47 -19.85 6.97 -1.50
CA LYS A 47 -20.88 7.47 -2.43
C LYS A 47 -20.34 8.39 -3.50
N ASP A 48 -19.07 8.78 -3.37
CA ASP A 48 -18.40 9.63 -4.36
C ASP A 48 -19.09 10.98 -4.52
N GLN A 49 -19.64 11.49 -3.43
CA GLN A 49 -20.37 12.75 -3.43
C GLN A 49 -20.26 13.40 -2.07
N PHE A 50 -19.69 14.60 -2.04
CA PHE A 50 -19.61 15.38 -0.81
C PHE A 50 -21.00 15.87 -0.43
N PRO A 51 -21.44 15.56 0.81
CA PRO A 51 -22.74 16.01 1.29
C PRO A 51 -22.67 17.50 1.64
N GLU A 52 -23.26 18.34 0.80
CA GLU A 52 -23.12 19.79 0.96
C GLU A 52 -24.26 20.38 1.78
N VAL A 53 -25.29 19.58 2.01
CA VAL A 53 -26.41 20.01 2.85
C VAL A 53 -26.45 19.22 4.15
N TYR A 54 -27.25 18.16 4.18
CA TYR A 54 -27.39 17.36 5.40
C TYR A 54 -26.27 16.33 5.55
N VAL A 55 -25.71 16.28 6.77
CA VAL A 55 -24.74 15.25 7.14
C VAL A 55 -25.22 14.62 8.45
N PRO A 56 -25.44 13.29 8.47
CA PRO A 56 -25.77 12.62 9.72
C PRO A 56 -24.58 12.66 10.67
N THR A 57 -24.83 12.60 11.97
CA THR A 57 -23.74 12.49 12.95
C THR A 57 -22.92 11.25 12.66
N VAL A 58 -23.58 10.11 12.42
CA VAL A 58 -22.86 8.93 11.96
C VAL A 58 -23.44 8.41 10.68
N PHE A 59 -22.56 8.00 9.79
CA PHE A 59 -22.96 7.44 8.51
C PHE A 59 -23.75 6.17 8.71
N GLU A 60 -24.69 5.92 7.80
CA GLU A 60 -25.46 4.68 7.78
C GLU A 60 -24.51 3.48 7.82
N ASN A 61 -25.01 2.36 8.34
CA ASN A 61 -24.26 1.12 8.27
C ASN A 61 -23.91 0.87 6.82
N TYR A 62 -22.69 0.43 6.56
CA TYR A 62 -22.19 0.38 5.20
C TYR A 62 -21.02 -0.57 5.07
N ILE A 63 -21.07 -1.44 4.06
CA ILE A 63 -19.95 -2.27 3.68
C ILE A 63 -19.49 -1.83 2.30
N ALA A 64 -18.25 -1.32 2.23
CA ALA A 64 -17.66 -0.84 0.97
C ALA A 64 -16.86 -1.95 0.31
N ASP A 65 -16.87 -1.98 -1.01
CA ASP A 65 -16.04 -2.92 -1.74
C ASP A 65 -14.83 -2.19 -2.27
N ILE A 66 -13.66 -2.78 -2.06
CA ILE A 66 -12.43 -2.12 -2.53
C ILE A 66 -11.44 -3.16 -3.00
N GLU A 67 -10.78 -2.87 -4.12
CA GLU A 67 -9.70 -3.74 -4.57
C GLU A 67 -8.38 -3.06 -4.31
N VAL A 68 -7.51 -3.79 -3.61
CA VAL A 68 -6.19 -3.27 -3.28
C VAL A 68 -5.17 -4.36 -3.50
N ASP A 69 -4.14 -4.04 -4.28
CA ASP A 69 -3.03 -4.95 -4.55
C ASP A 69 -3.53 -6.30 -5.04
N GLY A 70 -4.58 -6.25 -5.82
CA GLY A 70 -5.13 -7.44 -6.46
C GLY A 70 -6.04 -8.25 -5.57
N LYS A 71 -6.30 -7.75 -4.36
CA LYS A 71 -7.17 -8.44 -3.42
C LYS A 71 -8.50 -7.71 -3.30
N GLN A 72 -9.58 -8.47 -3.34
CA GLN A 72 -10.92 -7.93 -3.17
CA GLN A 72 -10.91 -7.92 -3.15
C GLN A 72 -11.27 -7.93 -1.67
N VAL A 73 -11.61 -6.76 -1.15
CA VAL A 73 -11.89 -6.61 0.25
C VAL A 73 -13.27 -6.00 0.44
N GLU A 74 -13.96 -6.48 1.47
CA GLU A 74 -15.18 -5.84 1.94
C GLU A 74 -14.85 -5.13 3.23
N LEU A 75 -15.06 -3.82 3.23
CA LEU A 75 -14.72 -2.98 4.36
CA LEU A 75 -14.73 -2.96 4.38
C LEU A 75 -15.99 -2.46 5.06
N ALA A 76 -16.25 -2.97 6.26
CA ALA A 76 -17.37 -2.46 7.06
C ALA A 76 -16.93 -1.15 7.67
N LEU A 77 -17.69 -0.08 7.46
CA LEU A 77 -17.28 1.25 7.89
C LEU A 77 -18.05 1.63 9.15
N TRP A 78 -17.37 1.62 10.28
CA TRP A 78 -18.00 1.94 11.55
C TRP A 78 -17.69 3.38 11.91
N ASP A 79 -18.71 4.23 11.83
CA ASP A 79 -18.55 5.64 12.13
C ASP A 79 -18.79 5.83 13.63
N THR A 80 -18.13 6.82 14.20
CA THR A 80 -18.29 7.12 15.63
C THR A 80 -18.44 8.61 15.83
N ALA A 81 -19.05 9.00 16.95
CA ALA A 81 -19.20 10.39 17.28
C ALA A 81 -17.97 10.88 18.03
N GLY A 82 -17.48 12.06 17.65
CA GLY A 82 -16.22 12.57 18.20
C GLY A 82 -16.34 13.30 19.53
N GLN A 83 -17.54 13.76 19.85
CA GLN A 83 -17.74 14.58 21.03
C GLN A 83 -17.58 13.78 22.31
N GLU A 84 -17.07 14.44 23.35
CA GLU A 84 -16.83 13.82 24.66
C GLU A 84 -18.09 13.21 25.25
N ASP A 85 -19.24 13.78 24.89
CA ASP A 85 -20.55 13.32 25.33
C ASP A 85 -20.77 11.86 24.97
N TYR A 86 -20.09 11.41 23.90
CA TYR A 86 -20.25 10.05 23.39
C TYR A 86 -19.17 9.08 23.87
N ASP A 87 -18.30 9.56 24.76
CA ASP A 87 -17.16 8.78 25.24
C ASP A 87 -17.57 7.46 25.90
N ARG A 88 -18.68 7.47 26.63
CA ARG A 88 -19.07 6.27 27.37
C ARG A 88 -19.51 5.13 26.44
N LEU A 89 -20.20 5.47 25.36
CA LEU A 89 -20.77 4.46 24.46
C LEU A 89 -19.90 4.12 23.25
N ARG A 90 -18.92 4.99 22.94
CA ARG A 90 -18.10 4.77 21.74
CA ARG A 90 -18.09 4.76 21.74
C ARG A 90 -17.34 3.44 21.77
N PRO A 91 -16.82 3.02 22.95
CA PRO A 91 -16.09 1.76 22.97
C PRO A 91 -16.88 0.52 22.54
N LEU A 92 -18.22 0.62 22.52
CA LEU A 92 -19.07 -0.44 21.97
C LEU A 92 -18.68 -0.79 20.55
N SER A 93 -18.10 0.18 19.83
CA SER A 93 -17.75 -0.01 18.42
C SER A 93 -16.39 -0.70 18.21
N TYR A 94 -15.59 -0.81 19.24
CA TYR A 94 -14.20 -1.26 19.06
C TYR A 94 -13.91 -2.78 18.90
N PRO A 95 -14.72 -3.66 19.53
CA PRO A 95 -14.36 -5.09 19.38
C PRO A 95 -14.19 -5.59 17.95
N ASP A 96 -13.15 -6.39 17.75
CA ASP A 96 -12.86 -7.02 16.46
C ASP A 96 -12.55 -6.06 15.30
N THR A 97 -12.13 -4.86 15.65
CA THR A 97 -11.67 -3.90 14.66
C THR A 97 -10.41 -4.41 13.97
N ASP A 98 -10.35 -4.23 12.65
CA ASP A 98 -9.14 -4.61 11.90
C ASP A 98 -8.21 -3.43 11.59
N VAL A 99 -8.79 -2.23 11.51
CA VAL A 99 -7.99 -1.05 11.25
C VAL A 99 -8.71 0.15 11.77
N ILE A 100 -7.96 1.09 12.31
CA ILE A 100 -8.49 2.33 12.82
C ILE A 100 -8.09 3.47 11.89
N LEU A 101 -9.04 4.29 11.48
CA LEU A 101 -8.72 5.61 10.93
C LEU A 101 -8.84 6.60 12.06
N MET A 102 -7.73 7.23 12.42
CA MET A 102 -7.72 8.17 13.51
C MET A 102 -7.50 9.55 12.90
N CYS A 103 -8.52 10.41 13.01
CA CYS A 103 -8.54 11.65 12.24
C CYS A 103 -8.32 12.86 13.10
N PHE A 104 -7.74 13.86 12.46
CA PHE A 104 -7.80 15.24 12.96
C PHE A 104 -8.11 16.10 11.76
N SER A 105 -8.42 17.38 12.00
CA SER A 105 -8.60 18.32 10.90
CA SER A 105 -8.60 18.30 10.89
C SER A 105 -7.41 19.23 10.75
N ILE A 106 -6.95 19.39 9.51
CA ILE A 106 -5.85 20.28 9.21
C ILE A 106 -6.18 21.75 9.56
N ASP A 107 -7.47 22.09 9.59
CA ASP A 107 -7.86 23.43 10.00
C ASP A 107 -7.95 23.61 11.51
N SER A 108 -7.59 22.58 12.28
CA SER A 108 -7.69 22.64 13.73
C SER A 108 -6.48 21.97 14.37
N PRO A 109 -5.39 22.72 14.56
CA PRO A 109 -4.24 22.15 15.22
C PRO A 109 -4.56 21.56 16.60
N ASP A 110 -5.57 22.08 17.27
CA ASP A 110 -5.97 21.52 18.54
C ASP A 110 -6.51 20.09 18.39
N SER A 111 -7.15 19.81 17.26
CA SER A 111 -7.63 18.45 16.99
C SER A 111 -6.46 17.49 16.82
N LEU A 112 -5.33 17.99 16.33
CA LEU A 112 -4.11 17.20 16.25
C LEU A 112 -3.56 16.92 17.66
N GLU A 113 -3.61 17.92 18.53
CA GLU A 113 -3.13 17.71 19.89
C GLU A 113 -3.98 16.70 20.64
N ASN A 114 -5.24 16.57 20.27
CA ASN A 114 -6.08 15.55 20.88
C ASN A 114 -5.76 14.12 20.43
N ILE A 115 -4.95 13.99 19.37
CA ILE A 115 -4.50 12.68 18.93
C ILE A 115 -3.74 11.94 20.05
N PRO A 116 -2.63 12.52 20.54
CA PRO A 116 -1.96 11.83 21.65
C PRO A 116 -2.69 11.97 22.98
N GLU A 117 -3.51 13.01 23.17
CA GLU A 117 -4.11 13.26 24.48
C GLU A 117 -5.33 12.40 24.71
N LYS A 118 -6.11 12.20 23.65
CA LYS A 118 -7.39 11.52 23.80
C LYS A 118 -7.50 10.25 22.96
N TRP A 119 -7.30 10.37 21.66
CA TRP A 119 -7.66 9.28 20.78
C TRP A 119 -6.73 8.10 20.85
N THR A 120 -5.43 8.38 20.96
CA THR A 120 -4.47 7.30 20.98
C THR A 120 -4.61 6.47 22.26
N PRO A 121 -4.70 7.11 23.44
CA PRO A 121 -4.94 6.29 24.62
C PRO A 121 -6.24 5.51 24.53
N GLU A 122 -7.29 6.09 23.97
CA GLU A 122 -8.55 5.38 23.90
C GLU A 122 -8.43 4.17 22.97
N VAL A 123 -7.92 4.40 21.78
CA VAL A 123 -7.82 3.33 20.80
C VAL A 123 -6.85 2.24 21.24
N LYS A 124 -5.73 2.62 21.85
CA LYS A 124 -4.77 1.61 22.22
C LYS A 124 -5.30 0.80 23.40
N HIS A 125 -6.17 1.39 24.22
CA HIS A 125 -6.78 0.64 25.31
C HIS A 125 -7.75 -0.43 24.79
N PHE A 126 -8.64 -0.02 23.90
CA PHE A 126 -9.71 -0.91 23.42
C PHE A 126 -9.35 -1.74 22.22
N PRO A 128 -5.96 -2.89 21.30
CA PRO A 128 -4.53 -3.06 21.35
C PRO A 128 -4.04 -3.82 20.12
N ASN A 129 -2.95 -3.31 19.57
CA ASN A 129 -2.23 -3.93 18.46
C ASN A 129 -2.99 -3.93 17.16
N VAL A 130 -3.98 -3.06 17.06
CA VAL A 130 -4.71 -2.87 15.81
C VAL A 130 -4.06 -1.68 15.09
N PRO A 131 -3.74 -1.83 13.79
CA PRO A 131 -3.07 -0.73 13.08
C PRO A 131 -3.91 0.54 13.01
N ILE A 132 -3.20 1.65 13.16
CA ILE A 132 -3.82 2.97 13.13
C ILE A 132 -3.32 3.74 11.92
N ILE A 133 -4.24 4.28 11.12
CA ILE A 133 -3.86 5.23 10.08
C ILE A 133 -4.17 6.62 10.64
N LEU A 134 -3.17 7.48 10.69
CA LEU A 134 -3.43 8.84 11.10
C LEU A 134 -3.80 9.62 9.86
N VAL A 135 -4.96 10.29 9.92
CA VAL A 135 -5.51 10.96 8.75
C VAL A 135 -5.74 12.44 9.06
N GLY A 136 -5.08 13.29 8.28
CA GLY A 136 -5.35 14.72 8.31
C GLY A 136 -6.46 15.07 7.34
N ASN A 137 -7.63 15.45 7.85
CA ASN A 137 -8.77 15.76 7.02
C ASN A 137 -8.79 17.24 6.66
N LYS A 138 -9.63 17.58 5.70
CA LYS A 138 -9.85 18.99 5.32
C LYS A 138 -8.58 19.65 4.79
N LYS A 139 -7.84 18.88 4.00
CA LYS A 139 -6.58 19.37 3.45
C LYS A 139 -6.76 20.65 2.65
N ASP A 140 -7.96 20.80 2.07
CA ASP A 140 -8.31 21.97 1.26
C ASP A 140 -8.23 23.27 2.06
N LEU A 141 -8.27 23.16 3.39
CA LEU A 141 -8.25 24.35 4.23
C LEU A 141 -6.87 24.78 4.64
N ARG A 142 -5.84 24.02 4.24
CA ARG A 142 -4.48 24.37 4.64
C ARG A 142 -4.06 25.80 4.31
N GLN A 143 -4.41 26.27 3.12
CA GLN A 143 -4.00 27.63 2.76
C GLN A 143 -5.15 28.62 2.68
N ASP A 144 -6.33 28.19 3.11
CA ASP A 144 -7.60 28.92 3.06
C ASP A 144 -7.49 30.21 3.86
N GLU A 145 -7.96 31.31 3.29
CA GLU A 145 -7.76 32.61 3.92
C GLU A 145 -8.49 32.77 5.24
N HIS A 146 -9.76 32.36 5.28
CA HIS A 146 -10.57 32.44 6.49
C HIS A 146 -9.96 31.57 7.58
N THR A 147 -9.52 30.37 7.21
CA THR A 147 -8.90 29.48 8.18
C THR A 147 -7.63 30.11 8.73
N ARG A 148 -6.80 30.66 7.86
CA ARG A 148 -5.53 31.26 8.31
C ARG A 148 -5.82 32.42 9.26
N ARG A 149 -6.81 33.24 8.91
CA ARG A 149 -7.12 34.43 9.69
C ARG A 149 -7.65 34.04 11.06
N GLU A 150 -8.56 33.06 11.07
CA GLU A 150 -9.17 32.61 12.32
C GLU A 150 -8.13 31.98 13.23
N LEU A 151 -7.28 31.12 12.67
CA LEU A 151 -6.24 30.52 13.48
C LEU A 151 -5.20 31.54 13.90
N ALA A 152 -4.90 32.51 13.05
CA ALA A 152 -3.89 33.52 13.37
C ALA A 152 -4.24 34.31 14.61
N LYS A 153 -5.54 34.56 14.81
CA LYS A 153 -5.94 35.36 15.98
C LYS A 153 -5.64 34.58 17.29
N MET A 154 -5.48 33.28 17.16
CA MET A 154 -5.13 32.41 18.28
C MET A 154 -3.64 32.02 18.29
N LYS A 155 -2.85 32.68 17.46
CA LYS A 155 -1.42 32.39 17.26
C LYS A 155 -1.18 30.98 16.74
N GLN A 156 -2.12 30.47 15.95
CA GLN A 156 -1.99 29.16 15.38
C GLN A 156 -2.01 29.28 13.86
N GLU A 157 -1.76 28.15 13.21
CA GLU A 157 -1.83 28.07 11.75
C GLU A 157 -2.29 26.67 11.41
N PRO A 158 -2.76 26.44 10.17
CA PRO A 158 -3.21 25.09 9.81
C PRO A 158 -2.11 24.07 10.05
N VAL A 159 -2.50 22.83 10.33
CA VAL A 159 -1.51 21.78 10.59
C VAL A 159 -0.59 21.64 9.38
N ARG A 160 0.71 21.66 9.63
CA ARG A 160 1.69 21.43 8.58
C ARG A 160 1.89 19.93 8.37
N SER A 161 2.18 19.50 7.16
CA SER A 161 2.33 18.07 6.91
CA SER A 161 2.36 18.08 6.89
C SER A 161 3.39 17.47 7.83
N GLU A 162 4.46 18.21 8.11
CA GLU A 162 5.50 17.68 8.99
C GLU A 162 5.00 17.46 10.42
N GLU A 163 4.03 18.27 10.85
CA GLU A 163 3.45 18.09 12.18
C GLU A 163 2.59 16.82 12.20
N GLY A 164 1.82 16.61 11.13
CA GLY A 164 1.06 15.36 11.02
C GLY A 164 1.96 14.15 11.02
N ARG A 165 3.03 14.20 10.22
CA ARG A 165 3.96 13.10 10.13
C ARG A 165 4.66 12.81 11.47
N ASP A 166 5.06 13.87 12.16
CA ASP A 166 5.73 13.72 13.45
C ASP A 166 4.76 13.03 14.41
N MET A 167 3.48 13.43 14.38
CA MET A 167 2.50 12.83 15.27
C MET A 167 2.29 11.36 14.93
N ALA A 168 2.22 11.05 13.64
CA ALA A 168 2.06 9.65 13.22
C ALA A 168 3.23 8.81 13.72
N ASN A 169 4.44 9.37 13.62
CA ASN A 169 5.61 8.69 14.17
C ASN A 169 5.53 8.51 15.67
N ARG A 170 5.11 9.57 16.35
CA ARG A 170 4.98 9.58 17.81
CA ARG A 170 5.02 9.53 17.82
C ARG A 170 4.05 8.45 18.31
N ILE A 171 2.94 8.25 17.61
CA ILE A 171 1.94 7.27 18.08
C ILE A 171 2.12 5.90 17.43
N SER A 172 3.20 5.74 16.69
CA SER A 172 3.50 4.46 16.02
C SER A 172 2.37 4.07 15.06
N ALA A 173 1.85 5.05 14.33
CA ALA A 173 0.85 4.78 13.31
C ALA A 173 1.43 3.96 12.17
N PHE A 174 0.57 3.16 11.54
CA PHE A 174 0.93 2.41 10.36
C PHE A 174 1.29 3.36 9.22
N GLY A 175 0.61 4.50 9.16
CA GLY A 175 0.90 5.47 8.12
C GLY A 175 0.21 6.76 8.45
N TYR A 176 0.53 7.77 7.64
CA TYR A 176 -0.03 9.11 7.72
C TYR A 176 -0.41 9.55 6.34
N LEU A 177 -1.66 10.01 6.19
CA LEU A 177 -2.14 10.52 4.91
C LEU A 177 -3.03 11.73 5.17
N GLU A 178 -3.09 12.60 4.18
CA GLU A 178 -3.95 13.77 4.24
C GLU A 178 -4.98 13.64 3.15
N CYS A 179 -6.15 14.17 3.42
CA CYS A 179 -7.21 14.14 2.40
C CYS A 179 -8.13 15.33 2.53
N SER A 180 -8.96 15.51 1.50
CA SER A 180 -10.06 16.45 1.56
C SER A 180 -11.31 15.76 1.04
N ALA A 181 -12.27 15.50 1.91
CA ALA A 181 -13.56 15.00 1.48
C ALA A 181 -14.19 15.97 0.48
N LYS A 182 -14.00 17.27 0.73
CA LYS A 182 -14.65 18.30 -0.09
C LYS A 182 -14.18 18.26 -1.54
N THR A 183 -12.86 18.16 -1.74
CA THR A 183 -12.31 18.15 -3.11
C THR A 183 -12.08 16.74 -3.63
N LYS A 184 -12.22 15.78 -2.75
CA LYS A 184 -11.92 14.34 -2.97
C LYS A 184 -10.43 14.00 -2.95
N GLU A 185 -9.56 15.01 -2.81
CA GLU A 185 -8.12 14.76 -2.86
C GLU A 185 -7.72 13.74 -1.81
N GLY A 186 -7.05 12.69 -2.24
CA GLY A 186 -6.47 11.71 -1.33
C GLY A 186 -7.42 10.77 -0.60
N VAL A 187 -8.73 10.86 -0.89
CA VAL A 187 -9.70 10.05 -0.17
C VAL A 187 -9.53 8.56 -0.49
N ARG A 188 -9.45 8.21 -1.77
CA ARG A 188 -9.25 6.80 -2.15
C ARG A 188 -8.02 6.24 -1.45
N GLU A 189 -6.95 7.03 -1.42
CA GLU A 189 -5.69 6.57 -0.87
C GLU A 189 -5.78 6.27 0.64
N VAL A 190 -6.59 7.03 1.36
CA VAL A 190 -6.80 6.74 2.76
C VAL A 190 -7.32 5.35 2.97
N PHE A 191 -8.34 5.00 2.20
CA PHE A 191 -8.97 3.70 2.33
C PHE A 191 -8.14 2.58 1.77
N GLU A 192 -7.34 2.86 0.76
CA GLU A 192 -6.41 1.85 0.28
C GLU A 192 -5.34 1.53 1.33
N MET A 193 -4.81 2.58 1.98
CA MET A 193 -3.87 2.35 3.07
C MET A 193 -4.50 1.57 4.22
N ALA A 194 -5.69 1.97 4.62
CA ALA A 194 -6.37 1.26 5.71
C ALA A 194 -6.55 -0.21 5.36
N THR A 195 -6.88 -0.47 4.10
CA THR A 195 -7.08 -1.83 3.64
C THR A 195 -5.76 -2.61 3.71
N ARG A 196 -4.68 -1.99 3.24
CA ARG A 196 -3.38 -2.65 3.34
C ARG A 196 -3.04 -2.98 4.80
N ALA A 197 -3.31 -2.06 5.70
CA ALA A 197 -3.01 -2.29 7.10
C ALA A 197 -3.87 -3.42 7.68
N GLY A 198 -5.14 -3.42 7.31
CA GLY A 198 -6.06 -4.45 7.81
C GLY A 198 -5.74 -5.84 7.28
N LEU A 199 -5.07 -5.89 6.12
CA LEU A 199 -4.74 -7.16 5.45
C LEU A 199 -3.52 -7.82 6.04
N GLN A 200 -2.58 -7.02 6.56
CA GLN A 200 -1.33 -7.61 7.05
C GLN A 200 -1.30 -7.73 8.57
N HIS B 9 8.13 -29.68 -14.23
CA HIS B 9 7.29 -28.89 -15.19
C HIS B 9 5.91 -28.64 -14.64
N HIS B 10 5.42 -27.45 -14.90
CA HIS B 10 4.10 -27.02 -14.48
C HIS B 10 3.00 -27.86 -15.09
N SER B 11 2.03 -28.25 -14.25
CA SER B 11 0.82 -28.91 -14.72
C SER B 11 -0.34 -27.92 -14.68
N SER B 12 -1.10 -27.87 -15.77
CA SER B 12 -2.26 -26.98 -15.86
C SER B 12 -3.41 -27.43 -14.97
N GLY B 13 -4.19 -26.46 -14.50
CA GLY B 13 -5.51 -26.72 -13.92
C GLY B 13 -5.55 -27.26 -12.49
N LEU B 14 -4.43 -27.14 -11.79
CA LEU B 14 -4.34 -27.67 -10.42
C LEU B 14 -4.75 -26.65 -9.36
N VAL B 15 -4.89 -25.39 -9.78
CA VAL B 15 -5.37 -24.32 -8.91
C VAL B 15 -6.81 -23.93 -9.31
N PRO B 16 -7.78 -24.09 -8.41
CA PRO B 16 -9.19 -23.81 -8.76
C PRO B 16 -9.47 -22.34 -9.10
N ILE B 24 14.71 8.48 2.32
CA ILE B 24 14.82 7.13 2.83
C ILE B 24 15.42 6.27 1.73
N ARG B 25 16.54 5.61 2.03
CA ARG B 25 17.27 4.84 1.02
C ARG B 25 17.05 3.35 1.17
N LYS B 26 16.65 2.72 0.08
CA LYS B 26 16.34 1.29 0.12
C LYS B 26 16.95 0.57 -1.06
N LYS B 27 17.35 -0.68 -0.82
CA LYS B 27 17.92 -1.50 -1.86
C LYS B 27 16.92 -2.56 -2.32
N LEU B 28 16.72 -2.60 -3.63
CA LEU B 28 15.85 -3.60 -4.25
C LEU B 28 16.70 -4.56 -5.09
N VAL B 29 16.44 -5.86 -4.97
CA VAL B 29 17.12 -6.85 -5.80
C VAL B 29 16.04 -7.59 -6.58
N ILE B 30 16.26 -7.77 -7.89
CA ILE B 30 15.29 -8.49 -8.72
C ILE B 30 15.91 -9.82 -9.15
N VAL B 31 15.13 -10.89 -8.98
CA VAL B 31 15.61 -12.22 -9.32
C VAL B 31 14.51 -12.98 -10.05
N GLY B 32 14.90 -14.04 -10.75
CA GLY B 32 13.91 -14.87 -11.45
C GLY B 32 14.57 -15.50 -12.66
N ASP B 33 13.88 -16.46 -13.27
CA ASP B 33 14.49 -17.24 -14.36
C ASP B 33 15.02 -16.38 -15.48
N GLY B 34 16.05 -16.89 -16.15
CA GLY B 34 16.57 -16.23 -17.33
C GLY B 34 15.47 -15.93 -18.32
N ALA B 35 15.52 -14.73 -18.89
CA ALA B 35 14.62 -14.26 -19.93
C ALA B 35 13.21 -13.96 -19.45
N CYS B 36 12.98 -13.94 -18.13
CA CYS B 36 11.63 -13.69 -17.67
C CYS B 36 11.24 -12.21 -17.64
N GLY B 37 12.20 -11.33 -17.97
CA GLY B 37 11.91 -9.92 -18.20
C GLY B 37 12.38 -8.96 -17.13
N LYS B 38 13.33 -9.41 -16.31
CA LYS B 38 13.83 -8.58 -15.22
C LYS B 38 14.44 -7.26 -15.67
N THR B 39 15.35 -7.33 -16.62
CA THR B 39 16.04 -6.14 -17.05
C THR B 39 15.09 -5.15 -17.71
N CYS B 40 14.21 -5.65 -18.55
CA CYS B 40 13.23 -4.79 -19.22
C CYS B 40 12.31 -4.12 -18.22
N LEU B 41 11.95 -4.86 -17.18
CA LEU B 41 11.11 -4.29 -16.15
C LEU B 41 11.80 -3.12 -15.46
N LEU B 42 13.08 -3.31 -15.12
CA LEU B 42 13.84 -2.23 -14.48
C LEU B 42 13.98 -1.03 -15.38
N ILE B 43 14.23 -1.29 -16.66
CA ILE B 43 14.45 -0.21 -17.63
C ILE B 43 13.17 0.59 -17.85
N VAL B 44 12.05 -0.12 -18.04
CA VAL B 44 10.77 0.56 -18.23
C VAL B 44 10.40 1.41 -17.02
N PHE B 45 10.58 0.87 -15.82
CA PHE B 45 10.33 1.63 -14.60
C PHE B 45 11.19 2.89 -14.53
N SER B 46 12.48 2.70 -14.78
CA SER B 46 13.45 3.79 -14.61
CA SER B 46 13.47 3.78 -14.62
C SER B 46 13.38 4.84 -15.71
N LYS B 47 13.11 4.40 -16.93
CA LYS B 47 13.22 5.24 -18.14
C LYS B 47 11.92 5.50 -18.89
N ASP B 48 10.82 4.91 -18.39
CA ASP B 48 9.48 5.09 -18.98
C ASP B 48 9.44 4.74 -20.47
N GLN B 49 10.27 3.78 -20.88
CA GLN B 49 10.33 3.35 -22.27
C GLN B 49 10.81 1.91 -22.35
N PHE B 50 9.99 1.08 -22.99
CA PHE B 50 10.36 -0.32 -23.24
C PHE B 50 11.46 -0.35 -24.29
N PRO B 51 12.59 -0.99 -23.97
CA PRO B 51 13.75 -1.06 -24.86
C PRO B 51 13.47 -1.88 -26.12
N VAL B 55 17.48 -5.17 -22.89
CA VAL B 55 18.57 -5.15 -23.86
C VAL B 55 19.91 -5.57 -23.23
N PRO B 56 20.41 -4.82 -22.22
CA PRO B 56 21.59 -5.35 -21.54
C PRO B 56 21.25 -6.58 -20.70
N THR B 57 22.26 -7.36 -20.35
CA THR B 57 22.07 -8.54 -19.49
C THR B 57 21.60 -8.09 -18.11
N VAL B 58 22.26 -7.07 -17.58
CA VAL B 58 21.82 -6.42 -16.35
C VAL B 58 21.77 -4.91 -16.56
N PHE B 59 20.72 -4.29 -16.01
CA PHE B 59 20.50 -2.85 -16.17
C PHE B 59 21.64 -2.08 -15.50
N GLU B 60 22.03 -0.95 -16.10
CA GLU B 60 23.04 -0.06 -15.54
C GLU B 60 22.65 0.40 -14.13
N ASN B 61 23.65 0.80 -13.36
CA ASN B 61 23.45 1.21 -11.98
C ASN B 61 22.47 2.36 -11.88
N TYR B 62 21.44 2.18 -11.05
CA TYR B 62 20.34 3.13 -11.02
C TYR B 62 19.69 3.28 -9.65
N ILE B 63 19.47 4.52 -9.25
CA ILE B 63 18.68 4.84 -8.06
C ILE B 63 17.44 5.58 -8.53
N ALA B 64 16.29 4.97 -8.27
CA ALA B 64 15.00 5.55 -8.61
C ALA B 64 14.43 6.39 -7.47
N ASP B 65 13.71 7.44 -7.83
CA ASP B 65 13.04 8.24 -6.85
C ASP B 65 11.57 7.91 -6.91
N ILE B 66 10.99 7.56 -5.78
CA ILE B 66 9.60 7.14 -5.74
C ILE B 66 8.96 7.64 -4.46
N GLU B 67 7.73 8.16 -4.60
CA GLU B 67 6.95 8.56 -3.45
C GLU B 67 5.80 7.58 -3.23
N VAL B 68 5.75 7.02 -2.03
CA VAL B 68 4.66 6.15 -1.61
CA VAL B 68 4.61 6.19 -1.61
C VAL B 68 4.23 6.53 -0.20
N ASP B 69 2.92 6.55 0.05
CA ASP B 69 2.37 6.73 1.39
C ASP B 69 2.90 7.98 2.06
N GLY B 70 3.20 9.00 1.25
CA GLY B 70 3.69 10.27 1.75
C GLY B 70 5.16 10.29 2.11
N LYS B 71 5.86 9.23 1.72
CA LYS B 71 7.28 9.10 2.01
C LYS B 71 8.08 9.13 0.72
N GLN B 72 9.17 9.90 0.74
CA GLN B 72 10.09 9.95 -0.40
C GLN B 72 11.16 8.90 -0.19
N VAL B 73 11.32 8.03 -1.19
CA VAL B 73 12.26 6.93 -1.13
C VAL B 73 13.22 6.97 -2.32
N GLU B 74 14.48 6.67 -2.04
CA GLU B 74 15.47 6.40 -3.08
C GLU B 74 15.67 4.89 -3.13
N LEU B 75 15.39 4.32 -4.28
CA LEU B 75 15.37 2.87 -4.46
C LEU B 75 16.48 2.46 -5.42
N ALA B 76 17.54 1.83 -4.88
CA ALA B 76 18.62 1.30 -5.70
C ALA B 76 18.17 0.01 -6.35
N LEU B 77 18.36 -0.10 -7.65
CA LEU B 77 17.83 -1.24 -8.39
C LEU B 77 18.98 -2.16 -8.75
N TRP B 78 19.00 -3.34 -8.13
CA TRP B 78 20.06 -4.31 -8.38
C TRP B 78 19.53 -5.41 -9.27
N ASP B 79 20.00 -5.43 -10.51
CA ASP B 79 19.62 -6.45 -11.47
C ASP B 79 20.52 -7.67 -11.27
N THR B 80 19.98 -8.85 -11.57
CA THR B 80 20.75 -10.08 -11.47
C THR B 80 20.50 -10.95 -12.70
N ALA B 81 21.42 -11.87 -12.95
CA ALA B 81 21.29 -12.80 -14.05
C ALA B 81 20.48 -14.03 -13.62
N GLY B 82 19.51 -14.42 -14.44
CA GLY B 82 18.61 -15.51 -14.07
C GLY B 82 19.16 -16.89 -14.33
N GLN B 83 20.12 -16.99 -15.25
CA GLN B 83 20.64 -18.30 -15.62
C GLN B 83 21.45 -18.97 -14.51
N GLU B 84 21.33 -20.29 -14.43
CA GLU B 84 22.02 -21.11 -13.43
C GLU B 84 23.54 -20.90 -13.47
N ASP B 85 24.06 -20.53 -14.64
CA ASP B 85 25.49 -20.28 -14.82
C ASP B 85 25.98 -19.17 -13.91
N TYR B 86 25.07 -18.34 -13.43
CA TYR B 86 25.42 -17.20 -12.60
C TYR B 86 25.12 -17.43 -11.13
N ASP B 87 24.75 -18.66 -10.80
CA ASP B 87 24.38 -19.03 -9.44
C ASP B 87 25.47 -18.73 -8.42
N ARG B 88 26.72 -18.92 -8.81
CA ARG B 88 27.85 -18.72 -7.91
C ARG B 88 28.07 -17.25 -7.52
N LEU B 89 27.92 -16.34 -8.48
CA LEU B 89 28.16 -14.92 -8.24
C LEU B 89 26.94 -14.10 -7.80
N ARG B 90 25.73 -14.60 -8.09
CA ARG B 90 24.53 -13.83 -7.79
C ARG B 90 24.40 -13.41 -6.32
N PRO B 91 24.74 -14.31 -5.37
CA PRO B 91 24.62 -13.92 -3.97
C PRO B 91 25.40 -12.67 -3.54
N LEU B 92 26.36 -12.22 -4.35
CA LEU B 92 27.07 -10.96 -4.10
C LEU B 92 26.10 -9.77 -4.10
N SER B 93 24.94 -9.96 -4.71
CA SER B 93 23.97 -8.88 -4.81
C SER B 93 23.08 -8.80 -3.58
N TYR B 94 23.07 -9.83 -2.73
CA TYR B 94 22.10 -9.92 -1.63
C TYR B 94 22.34 -9.12 -0.33
N PRO B 95 23.61 -8.82 0.05
CA PRO B 95 23.82 -8.07 1.29
C PRO B 95 22.96 -6.83 1.43
N ASP B 96 22.35 -6.68 2.61
CA ASP B 96 21.60 -5.47 2.96
C ASP B 96 20.45 -5.12 2.03
N THR B 97 19.88 -6.15 1.42
CA THR B 97 18.69 -5.96 0.59
C THR B 97 17.47 -5.61 1.45
N ASP B 98 16.67 -4.63 0.98
CA ASP B 98 15.45 -4.26 1.69
C ASP B 98 14.21 -4.90 1.12
N VAL B 99 14.23 -5.21 -0.16
CA VAL B 99 13.08 -5.86 -0.78
C VAL B 99 13.55 -6.62 -1.99
N ILE B 100 12.88 -7.76 -2.23
CA ILE B 100 13.18 -8.54 -3.40
CA ILE B 100 13.16 -8.64 -3.35
C ILE B 100 11.98 -8.59 -4.32
N LEU B 101 12.24 -8.33 -5.59
CA LEU B 101 11.23 -8.60 -6.61
C LEU B 101 11.58 -9.95 -7.17
N MET B 102 10.70 -10.91 -6.98
CA MET B 102 10.92 -12.26 -7.46
C MET B 102 9.96 -12.48 -8.61
N CYS B 103 10.53 -12.70 -9.80
CA CYS B 103 9.74 -12.70 -11.01
C CYS B 103 9.65 -14.05 -11.65
N PHE B 104 8.52 -14.25 -12.33
CA PHE B 104 8.38 -15.32 -13.32
C PHE B 104 7.72 -14.67 -14.51
N SER B 105 7.69 -15.37 -15.64
CA SER B 105 6.99 -14.86 -16.80
C SER B 105 5.66 -15.57 -16.99
N ILE B 106 4.62 -14.80 -17.25
CA ILE B 106 3.31 -15.36 -17.50
C ILE B 106 3.29 -16.26 -18.75
N ASP B 107 4.23 -16.06 -19.67
CA ASP B 107 4.32 -16.93 -20.84
C ASP B 107 5.08 -18.22 -20.58
N SER B 108 5.55 -18.42 -19.35
CA SER B 108 6.35 -19.60 -19.01
C SER B 108 5.93 -20.19 -17.68
N PRO B 109 4.93 -21.07 -17.68
CA PRO B 109 4.52 -21.67 -16.43
C PRO B 109 5.67 -22.40 -15.72
N ASP B 110 6.65 -22.91 -16.46
CA ASP B 110 7.80 -23.52 -15.83
C ASP B 110 8.60 -22.50 -14.99
N SER B 111 8.62 -21.24 -15.41
CA SER B 111 9.31 -20.19 -14.63
C SER B 111 8.60 -19.97 -13.30
N LEU B 112 7.28 -20.17 -13.27
CA LEU B 112 6.53 -20.14 -12.02
C LEU B 112 6.91 -21.30 -11.09
N GLU B 113 7.09 -22.48 -11.66
CA GLU B 113 7.47 -23.62 -10.84
C GLU B 113 8.85 -23.44 -10.22
N ASN B 114 9.70 -22.68 -10.88
CA ASN B 114 11.03 -22.37 -10.32
C ASN B 114 10.98 -21.41 -9.13
N ILE B 115 9.83 -20.79 -8.87
CA ILE B 115 9.70 -19.88 -7.74
C ILE B 115 9.90 -20.62 -6.41
N PRO B 116 9.10 -21.69 -6.15
CA PRO B 116 9.35 -22.43 -4.90
C PRO B 116 10.55 -23.36 -4.99
N GLU B 117 10.91 -23.80 -6.20
CA GLU B 117 11.98 -24.79 -6.35
C GLU B 117 13.36 -24.19 -6.25
N LYS B 118 13.53 -23.01 -6.83
CA LYS B 118 14.85 -22.40 -6.92
C LYS B 118 14.93 -21.05 -6.25
N TRP B 119 14.07 -20.11 -6.64
CA TRP B 119 14.29 -18.73 -6.22
C TRP B 119 14.01 -18.47 -4.76
N THR B 120 12.94 -19.07 -4.24
CA THR B 120 12.60 -18.81 -2.87
C THR B 120 13.65 -19.44 -1.92
N PRO B 121 14.04 -20.72 -2.15
CA PRO B 121 15.13 -21.24 -1.32
C PRO B 121 16.42 -20.44 -1.41
N GLU B 122 16.78 -19.93 -2.59
CA GLU B 122 18.01 -19.15 -2.72
C GLU B 122 17.89 -17.85 -1.94
N VAL B 123 16.83 -17.12 -2.19
CA VAL B 123 16.66 -15.84 -1.54
C VAL B 123 16.53 -15.98 -0.02
N LYS B 124 15.85 -17.03 0.43
CA LYS B 124 15.65 -17.21 1.85
C LYS B 124 16.93 -17.63 2.53
N HIS B 125 17.83 -18.26 1.77
CA HIS B 125 19.11 -18.65 2.36
C HIS B 125 19.94 -17.43 2.75
N PHE B 126 19.97 -16.44 1.86
CA PHE B 126 20.78 -15.24 2.07
C PHE B 126 20.03 -14.11 2.76
N CYS B 127 18.71 -14.07 2.55
CA CYS B 127 17.84 -12.97 2.98
C CYS B 127 16.56 -13.56 3.61
N PRO B 128 16.70 -14.31 4.72
CA PRO B 128 15.51 -15.04 5.23
C PRO B 128 14.28 -14.20 5.57
N ASN B 129 14.49 -12.94 5.91
CA ASN B 129 13.39 -12.11 6.40
C ASN B 129 13.15 -10.89 5.57
N VAL B 130 13.74 -10.85 4.39
CA VAL B 130 13.49 -9.74 3.48
C VAL B 130 12.14 -9.95 2.80
N PRO B 131 11.31 -8.91 2.75
CA PRO B 131 10.02 -9.09 2.05
C PRO B 131 10.20 -9.37 0.57
N ILE B 132 9.33 -10.23 0.05
CA ILE B 132 9.36 -10.61 -1.36
C ILE B 132 8.08 -10.17 -2.02
N ILE B 133 8.20 -9.49 -3.17
CA ILE B 133 7.05 -9.24 -4.03
C ILE B 133 7.13 -10.27 -5.15
N LEU B 134 6.07 -11.04 -5.33
CA LEU B 134 6.04 -11.97 -6.45
C LEU B 134 5.43 -11.26 -7.62
N VAL B 135 6.14 -11.28 -8.74
CA VAL B 135 5.74 -10.50 -9.90
C VAL B 135 5.63 -11.42 -11.13
N GLY B 136 4.44 -11.44 -11.71
CA GLY B 136 4.23 -12.07 -13.00
C GLY B 136 4.49 -11.08 -14.13
N ASN B 137 5.57 -11.33 -14.87
CA ASN B 137 5.97 -10.45 -15.97
C ASN B 137 5.30 -10.87 -17.25
N LYS B 138 5.39 -9.98 -18.23
CA LYS B 138 4.93 -10.26 -19.60
C LYS B 138 3.44 -10.57 -19.63
N LYS B 139 2.66 -9.81 -18.85
CA LYS B 139 1.22 -10.00 -18.78
C LYS B 139 0.55 -9.89 -20.15
N ASP B 140 1.18 -9.12 -21.03
CA ASP B 140 0.69 -8.93 -22.40
C ASP B 140 0.67 -10.24 -23.19
N LEU B 141 1.42 -11.23 -22.74
CA LEU B 141 1.46 -12.47 -23.48
C LEU B 141 0.39 -13.45 -23.02
N ARG B 142 -0.44 -13.05 -22.03
CA ARG B 142 -1.44 -13.98 -21.53
C ARG B 142 -2.42 -14.49 -22.61
N GLN B 143 -2.75 -13.64 -23.58
CA GLN B 143 -3.61 -14.07 -24.67
C GLN B 143 -2.90 -13.98 -26.02
N ASP B 144 -1.58 -13.90 -26.02
CA ASP B 144 -0.78 -13.82 -27.24
C ASP B 144 -0.83 -15.16 -27.97
N GLU B 145 -1.01 -15.13 -29.28
CA GLU B 145 -1.24 -16.38 -30.00
C GLU B 145 -0.02 -17.30 -30.10
N HIS B 146 1.15 -16.75 -30.39
CA HIS B 146 2.34 -17.58 -30.46
C HIS B 146 2.56 -18.24 -29.10
N THR B 147 2.37 -17.49 -28.03
CA THR B 147 2.52 -18.03 -26.69
C THR B 147 1.53 -19.16 -26.45
N ARG B 148 0.26 -18.92 -26.74
CA ARG B 148 -0.75 -19.94 -26.54
C ARG B 148 -0.41 -21.19 -27.32
N ARG B 149 -0.05 -21.03 -28.58
CA ARG B 149 0.17 -22.14 -29.46
C ARG B 149 1.38 -22.97 -29.03
N GLU B 150 2.44 -22.27 -28.65
CA GLU B 150 3.66 -22.95 -28.22
C GLU B 150 3.44 -23.70 -26.92
N LEU B 151 2.77 -23.08 -25.96
CA LEU B 151 2.50 -23.77 -24.71
C LEU B 151 1.52 -24.91 -24.89
N ALA B 152 0.57 -24.74 -25.81
CA ALA B 152 -0.45 -25.77 -26.04
C ALA B 152 0.15 -27.07 -26.53
N LYS B 153 1.22 -27.00 -27.30
CA LYS B 153 1.80 -28.26 -27.80
C LYS B 153 2.47 -29.05 -26.67
N MET B 154 2.67 -28.38 -25.54
CA MET B 154 3.27 -28.99 -24.36
C MET B 154 2.22 -29.26 -23.29
N LYS B 155 0.96 -29.07 -23.67
CA LYS B 155 -0.20 -29.19 -22.77
C LYS B 155 -0.14 -28.20 -21.62
N GLN B 156 0.42 -27.03 -21.89
CA GLN B 156 0.49 -25.95 -20.91
C GLN B 156 -0.30 -24.76 -21.45
N GLU B 157 -0.47 -23.77 -20.60
CA GLU B 157 -1.16 -22.53 -20.96
C GLU B 157 -0.51 -21.41 -20.16
N PRO B 158 -0.71 -20.16 -20.59
CA PRO B 158 -0.09 -19.07 -19.82
C PRO B 158 -0.51 -19.14 -18.35
N VAL B 159 0.34 -18.64 -17.48
CA VAL B 159 0.07 -18.63 -16.07
C VAL B 159 -1.20 -17.84 -15.81
N ARG B 160 -2.11 -18.46 -15.06
CA ARG B 160 -3.36 -17.83 -14.66
CA ARG B 160 -3.34 -17.78 -14.70
C ARG B 160 -3.12 -16.98 -13.43
N SER B 161 -3.83 -15.88 -13.27
CA SER B 161 -3.67 -15.03 -12.09
CA SER B 161 -3.64 -15.03 -12.09
C SER B 161 -3.82 -15.83 -10.81
N GLU B 162 -4.76 -16.77 -10.78
CA GLU B 162 -4.97 -17.57 -9.57
C GLU B 162 -3.78 -18.46 -9.26
N GLU B 163 -3.06 -18.89 -10.29
CA GLU B 163 -1.84 -19.67 -10.07
C GLU B 163 -0.75 -18.78 -9.50
N GLY B 164 -0.63 -17.56 -10.00
CA GLY B 164 0.35 -16.62 -9.43
C GLY B 164 0.01 -16.31 -7.98
N ARG B 165 -1.27 -16.04 -7.72
CA ARG B 165 -1.71 -15.69 -6.36
C ARG B 165 -1.47 -16.84 -5.42
N ASP B 166 -1.79 -18.05 -5.87
CA ASP B 166 -1.58 -19.23 -5.06
C ASP B 166 -0.09 -19.38 -4.72
N MET B 167 0.80 -19.12 -5.68
CA MET B 167 2.23 -19.23 -5.38
C MET B 167 2.67 -18.16 -4.39
N ALA B 168 2.14 -16.94 -4.55
CA ALA B 168 2.46 -15.85 -3.63
C ALA B 168 2.07 -16.23 -2.20
N ASN B 169 0.92 -16.87 -2.08
CA ASN B 169 0.46 -17.34 -0.77
C ASN B 169 1.36 -18.44 -0.23
N ARG B 170 1.76 -19.35 -1.11
CA ARG B 170 2.62 -20.47 -0.72
CA ARG B 170 2.62 -20.47 -0.76
C ARG B 170 3.96 -19.99 -0.18
N ILE B 171 4.48 -18.89 -0.70
CA ILE B 171 5.76 -18.38 -0.20
C ILE B 171 5.56 -17.23 0.79
N SER B 172 4.29 -16.96 1.13
CA SER B 172 3.93 -15.81 1.97
CA SER B 172 3.90 -15.80 1.96
C SER B 172 4.64 -14.55 1.52
N ALA B 173 4.54 -14.28 0.22
CA ALA B 173 5.05 -13.05 -0.33
C ALA B 173 4.28 -11.89 0.27
N PHE B 174 4.92 -10.73 0.28
CA PHE B 174 4.27 -9.50 0.72
C PHE B 174 3.09 -9.13 -0.19
N GLY B 175 3.20 -9.49 -1.46
CA GLY B 175 2.11 -9.31 -2.39
C GLY B 175 2.40 -9.99 -3.69
N TYR B 176 1.39 -9.94 -4.55
CA TYR B 176 1.48 -10.52 -5.89
C TYR B 176 0.95 -9.50 -6.85
N LEU B 177 1.72 -9.20 -7.90
CA LEU B 177 1.28 -8.27 -8.92
C LEU B 177 1.72 -8.79 -10.27
N GLU B 178 0.98 -8.40 -11.30
CA GLU B 178 1.31 -8.75 -12.67
C GLU B 178 1.62 -7.50 -13.42
N CYS B 179 2.54 -7.58 -14.37
CA CYS B 179 2.87 -6.40 -15.15
C CYS B 179 3.32 -6.76 -16.56
N SER B 180 3.38 -5.75 -17.41
CA SER B 180 3.99 -5.90 -18.73
C SER B 180 4.95 -4.75 -18.95
N ALA B 181 6.24 -5.05 -18.99
CA ALA B 181 7.23 -4.04 -19.35
C ALA B 181 6.92 -3.51 -20.76
N LYS B 182 6.46 -4.40 -21.64
CA LYS B 182 6.20 -4.02 -23.03
C LYS B 182 5.13 -2.93 -23.16
N THR B 183 4.03 -3.09 -22.45
CA THR B 183 2.91 -2.15 -22.55
C THR B 183 2.91 -1.13 -21.42
N LYS B 184 3.75 -1.36 -20.42
CA LYS B 184 3.84 -0.57 -19.17
C LYS B 184 2.78 -0.92 -18.14
N GLU B 185 1.83 -1.77 -18.51
CA GLU B 185 0.73 -2.10 -17.59
C GLU B 185 1.27 -2.62 -16.27
N GLY B 186 0.84 -2.00 -15.18
CA GLY B 186 1.13 -2.47 -13.83
C GLY B 186 2.56 -2.26 -13.35
N VAL B 187 3.40 -1.65 -14.16
CA VAL B 187 4.82 -1.48 -13.79
C VAL B 187 4.98 -0.55 -12.59
N ARG B 188 4.35 0.61 -12.63
CA ARG B 188 4.44 1.52 -11.49
C ARG B 188 4.01 0.83 -10.20
N GLU B 189 2.92 0.08 -10.28
CA GLU B 189 2.38 -0.58 -9.09
C GLU B 189 3.36 -1.58 -8.48
N VAL B 190 4.11 -2.26 -9.34
CA VAL B 190 5.11 -3.22 -8.84
C VAL B 190 6.11 -2.50 -7.95
N PHE B 191 6.62 -1.36 -8.43
CA PHE B 191 7.65 -0.66 -7.67
C PHE B 191 7.11 0.08 -6.47
N GLU B 192 5.86 0.51 -6.56
CA GLU B 192 5.22 1.10 -5.38
C GLU B 192 5.03 0.04 -4.28
N MET B 193 4.60 -1.15 -4.67
CA MET B 193 4.46 -2.22 -3.70
C MET B 193 5.81 -2.61 -3.08
N ALA B 194 6.82 -2.75 -3.92
CA ALA B 194 8.17 -3.05 -3.43
C ALA B 194 8.63 -2.01 -2.43
N THR B 195 8.34 -0.75 -2.73
CA THR B 195 8.71 0.34 -1.84
C THR B 195 7.99 0.22 -0.51
N ARG B 196 6.69 -0.04 -0.53
CA ARG B 196 5.94 -0.25 0.72
C ARG B 196 6.54 -1.38 1.53
N ALA B 197 6.91 -2.47 0.86
CA ALA B 197 7.51 -3.62 1.54
C ALA B 197 8.85 -3.24 2.16
N GLY B 198 9.68 -2.56 1.38
CA GLY B 198 10.98 -2.14 1.87
C GLY B 198 10.92 -1.13 3.00
N LEU B 199 9.82 -0.38 3.08
CA LEU B 199 9.66 0.64 4.11
C LEU B 199 9.31 0.08 5.47
N GLN B 200 8.66 -1.06 5.51
CA GLN B 200 8.16 -1.58 6.77
C GLN B 200 9.20 -2.37 7.57
#